data_1M48
#
_entry.id   1M48
#
_cell.length_a   50.470
_cell.length_b   58.020
_cell.length_c   93.080
_cell.angle_alpha   90.00
_cell.angle_beta   90.00
_cell.angle_gamma   90.00
#
_symmetry.space_group_name_H-M   'P 21 21 21'
#
loop_
_entity.id
_entity.type
_entity.pdbx_description
1 polymer interleukin-2
2 non-polymer '2-[3-METHYL-4-(N-METHYL-GUANIDINO)-BUTYRYLAMINO]-3-(4-PHENYLETHYNYL-PHENYL)-PROPIONIC ACID METHYL ESTER'
3 water water
#
_entity_poly.entity_id   1
_entity_poly.type   'polypeptide(L)'
_entity_poly.pdbx_seq_one_letter_code
;APTSSSTKKTQLQLEHLLLDLQMILNGINNYKNPKLTRMLTFKFYMPKKATELKHLQCLEEELKPLEEVLNLAQSKNFHL
RPRDLISNINVIVLELKGSETTFMCEYADETATIVEFLNRWITFCQSIISTLT
;
_entity_poly.pdbx_strand_id   A,B
#
loop_
_chem_comp.id
_chem_comp.type
_chem_comp.name
_chem_comp.formula
FRG non-polymer '2-[3-METHYL-4-(N-METHYL-GUANIDINO)-BUTYRYLAMINO]-3-(4-PHENYLETHYNYL-PHENYL)-PROPIONIC ACID METHYL ESTER' 'C26 H30 N4 O3'
#
# COMPACT_ATOMS: atom_id res chain seq x y z
N SER A 4 0.43 -10.57 19.12
CA SER A 4 1.77 -9.91 19.02
C SER A 4 1.73 -8.79 18.00
N SER A 5 2.89 -8.17 17.77
CA SER A 5 3.00 -7.08 16.81
C SER A 5 3.76 -7.54 15.57
N SER A 6 4.19 -8.80 15.59
CA SER A 6 4.89 -9.40 14.46
C SER A 6 3.83 -9.93 13.51
N THR A 7 2.73 -10.40 14.10
CA THR A 7 1.61 -10.91 13.34
C THR A 7 0.85 -9.75 12.71
N LYS A 8 0.78 -8.62 13.40
CA LYS A 8 0.15 -7.45 12.85
C LYS A 8 0.99 -6.93 11.69
N LYS A 9 2.31 -7.10 11.77
CA LYS A 9 3.19 -6.66 10.69
C LYS A 9 2.87 -7.47 9.43
N THR A 10 2.66 -8.76 9.64
CA THR A 10 2.35 -9.66 8.53
C THR A 10 1.00 -9.35 7.89
N GLN A 11 0.01 -9.06 8.74
CA GLN A 11 -1.31 -8.63 8.27
C GLN A 11 -1.24 -7.40 7.38
N LEU A 12 -0.52 -6.36 7.84
CA LEU A 12 -0.42 -5.11 7.09
C LEU A 12 0.29 -5.32 5.76
N GLN A 13 1.30 -6.18 5.75
CA GLN A 13 2.03 -6.45 4.51
C GLN A 13 1.13 -7.15 3.49
N LEU A 14 0.34 -8.10 3.97
CA LEU A 14 -0.64 -8.78 3.13
C LEU A 14 -1.68 -7.78 2.59
N GLU A 15 -2.12 -6.85 3.44
CA GLU A 15 -3.09 -5.84 3.04
C GLU A 15 -2.44 -4.91 2.03
N HIS A 16 -1.14 -4.65 2.19
CA HIS A 16 -0.42 -3.79 1.25
C HIS A 16 -0.42 -4.48 -0.12
N LEU A 17 -0.07 -5.77 -0.16
CA LEU A 17 -0.02 -6.54 -1.41
C LEU A 17 -1.41 -6.61 -2.05
N LEU A 18 -2.42 -6.92 -1.24
CA LEU A 18 -3.80 -6.98 -1.70
C LEU A 18 -4.26 -5.65 -2.34
N LEU A 19 -4.01 -4.53 -1.69
CA LEU A 19 -4.43 -3.24 -2.23
C LEU A 19 -3.74 -2.96 -3.58
N ASP A 20 -2.46 -3.25 -3.64
CA ASP A 20 -1.70 -3.10 -4.86
C ASP A 20 -2.34 -3.87 -6.00
N LEU A 21 -2.64 -5.15 -5.74
CA LEU A 21 -3.19 -5.99 -6.78
C LEU A 21 -4.57 -5.47 -7.17
N GLN A 22 -5.33 -5.01 -6.18
CA GLN A 22 -6.68 -4.47 -6.41
C GLN A 22 -6.66 -3.19 -7.22
N MET A 23 -5.65 -2.36 -7.01
CA MET A 23 -5.52 -1.14 -7.78
C MET A 23 -5.25 -1.48 -9.24
N ILE A 24 -4.38 -2.46 -9.47
CA ILE A 24 -4.14 -2.90 -10.84
C ILE A 24 -5.46 -3.37 -11.50
N LEU A 25 -6.14 -4.28 -10.84
CA LEU A 25 -7.41 -4.79 -11.33
C LEU A 25 -8.41 -3.67 -11.65
N ASN A 26 -8.57 -2.74 -10.72
CA ASN A 26 -9.49 -1.64 -10.95
C ASN A 26 -9.13 -0.82 -12.19
N GLY A 27 -7.84 -0.70 -12.49
CA GLY A 27 -7.36 0.09 -13.63
C GLY A 27 -7.82 -0.45 -14.98
N ILE A 28 -7.97 -1.76 -15.04
CA ILE A 28 -8.40 -2.47 -16.23
C ILE A 28 -9.79 -2.02 -16.66
N ASN A 29 -10.64 -1.67 -15.70
CA ASN A 29 -11.98 -1.18 -15.97
C ASN A 29 -12.04 0.08 -16.85
N ASN A 30 -10.93 0.79 -16.95
CA ASN A 30 -10.88 2.01 -17.76
C ASN A 30 -10.24 1.80 -19.14
N TYR A 31 -9.60 0.65 -19.34
CA TYR A 31 -8.93 0.42 -20.62
C TYR A 31 -9.91 0.37 -21.79
N LYS A 32 -9.49 0.90 -22.92
CA LYS A 32 -10.32 0.87 -24.10
C LYS A 32 -10.23 -0.46 -24.83
N ASN A 33 -11.29 -0.76 -25.57
CA ASN A 33 -11.43 -2.05 -26.23
C ASN A 33 -10.27 -2.68 -27.01
N PRO A 34 -9.67 -1.94 -27.94
CA PRO A 34 -8.56 -2.50 -28.71
C PRO A 34 -7.49 -2.96 -27.72
N LYS A 35 -7.07 -2.06 -26.84
CA LYS A 35 -6.13 -2.37 -25.77
C LYS A 35 -6.63 -3.52 -24.90
N LEU A 36 -7.85 -3.39 -24.38
CA LEU A 36 -8.44 -4.39 -23.51
C LEU A 36 -8.45 -5.79 -24.14
N THR A 37 -8.88 -5.84 -25.41
CA THR A 37 -8.96 -7.12 -26.12
C THR A 37 -7.62 -7.83 -26.19
N ARG A 38 -6.58 -7.10 -26.64
CA ARG A 38 -5.22 -7.64 -26.68
C ARG A 38 -4.74 -8.06 -25.30
N MET A 39 -4.93 -7.17 -24.33
CA MET A 39 -4.41 -7.42 -22.99
C MET A 39 -4.95 -8.71 -22.40
N LEU A 40 -6.20 -9.02 -22.72
CA LEU A 40 -6.83 -10.23 -22.19
C LEU A 40 -6.39 -11.55 -22.84
N THR A 41 -5.55 -11.49 -23.87
CA THR A 41 -5.06 -12.72 -24.50
C THR A 41 -3.64 -13.09 -24.03
N PHE A 42 -3.11 -12.29 -23.13
CA PHE A 42 -1.79 -12.48 -22.57
C PHE A 42 -1.98 -13.44 -21.41
N LYS A 43 -1.36 -14.61 -21.47
CA LYS A 43 -1.61 -15.62 -20.46
C LYS A 43 -0.69 -15.60 -19.25
N PHE A 44 -1.27 -15.94 -18.10
CA PHE A 44 -0.55 -16.06 -16.84
C PHE A 44 -0.61 -17.50 -16.30
N TYR A 45 0.46 -17.92 -15.65
CA TYR A 45 0.49 -19.24 -15.06
C TYR A 45 -0.05 -19.17 -13.63
N MET A 46 -0.91 -20.13 -13.30
CA MET A 46 -1.55 -20.22 -11.98
C MET A 46 -1.01 -21.41 -11.22
N PRO A 47 -0.78 -21.25 -9.93
CA PRO A 47 -0.21 -22.33 -9.12
C PRO A 47 -1.27 -23.38 -8.83
N LYS A 48 -0.88 -24.64 -8.76
CA LYS A 48 -1.84 -25.69 -8.42
C LYS A 48 -2.36 -25.34 -7.05
N LYS A 49 -1.44 -25.05 -6.14
CA LYS A 49 -1.77 -24.74 -4.76
C LYS A 49 -1.19 -23.40 -4.30
N ALA A 50 -2.02 -22.62 -3.64
CA ALA A 50 -1.56 -21.37 -3.03
C ALA A 50 -2.40 -21.19 -1.78
N THR A 51 -1.90 -21.69 -0.66
CA THR A 51 -2.60 -21.59 0.64
C THR A 51 -1.66 -21.19 1.77
N GLU A 52 -0.36 -21.13 1.48
CA GLU A 52 0.63 -20.71 2.47
C GLU A 52 1.51 -19.58 1.89
N LEU A 53 2.18 -18.86 2.79
CA LEU A 53 3.04 -17.75 2.41
C LEU A 53 4.13 -18.13 1.40
N LYS A 54 4.69 -19.32 1.53
CA LYS A 54 5.74 -19.76 0.60
C LYS A 54 5.26 -19.85 -0.85
N HIS A 55 3.96 -20.06 -1.04
CA HIS A 55 3.36 -20.10 -2.35
C HIS A 55 3.47 -18.77 -3.10
N LEU A 56 3.74 -17.70 -2.35
CA LEU A 56 3.92 -16.38 -2.93
C LEU A 56 5.07 -16.35 -3.95
N GLN A 57 5.95 -17.34 -3.86
CA GLN A 57 7.00 -17.49 -4.85
C GLN A 57 6.39 -17.65 -6.24
N CYS A 58 5.25 -18.31 -6.31
CA CYS A 58 4.59 -18.52 -7.61
C CYS A 58 4.00 -17.23 -8.20
N LEU A 59 3.83 -16.22 -7.35
CA LEU A 59 3.39 -14.91 -7.79
C LEU A 59 4.64 -14.13 -8.22
N GLU A 60 5.72 -14.26 -7.44
CA GLU A 60 6.97 -13.58 -7.76
C GLU A 60 7.48 -13.98 -9.14
N GLU A 61 7.36 -15.26 -9.46
CA GLU A 61 7.84 -15.76 -10.75
C GLU A 61 7.08 -15.11 -11.93
N GLU A 62 5.82 -14.76 -11.73
CA GLU A 62 5.02 -14.18 -12.77
C GLU A 62 5.02 -12.65 -12.76
N LEU A 63 5.93 -12.06 -12.01
CA LEU A 63 5.95 -10.60 -11.91
C LEU A 63 6.47 -9.90 -13.17
N LYS A 64 7.47 -10.45 -13.86
CA LYS A 64 7.94 -9.81 -15.12
C LYS A 64 6.85 -9.80 -16.19
N PRO A 65 6.24 -10.96 -16.44
CA PRO A 65 5.13 -11.05 -17.39
C PRO A 65 4.04 -10.03 -17.03
N LEU A 66 3.76 -9.85 -15.74
CA LEU A 66 2.77 -8.88 -15.30
C LEU A 66 3.26 -7.48 -15.69
N GLU A 67 4.53 -7.20 -15.40
CA GLU A 67 5.07 -5.88 -15.72
C GLU A 67 5.04 -5.62 -17.23
N GLU A 68 5.41 -6.63 -18.01
CA GLU A 68 5.46 -6.51 -19.47
C GLU A 68 4.10 -6.13 -20.05
N VAL A 69 3.09 -6.93 -19.74
CA VAL A 69 1.77 -6.64 -20.26
C VAL A 69 1.27 -5.28 -19.80
N LEU A 70 1.64 -4.87 -18.60
CA LEU A 70 1.21 -3.57 -18.09
C LEU A 70 1.93 -2.39 -18.73
N ASN A 71 3.18 -2.58 -19.17
CA ASN A 71 3.89 -1.51 -19.84
C ASN A 71 3.19 -1.28 -21.17
N LEU A 72 2.88 -2.38 -21.84
CA LEU A 72 2.15 -2.34 -23.11
C LEU A 72 0.85 -1.54 -23.02
N ALA A 73 0.15 -1.64 -21.90
CA ALA A 73 -1.14 -0.96 -21.72
C ALA A 73 -1.13 0.29 -20.85
N GLN A 74 -0.18 1.20 -21.05
CA GLN A 74 -0.17 2.41 -20.22
C GLN A 74 -0.29 3.67 -21.06
N ARG A 81 4.24 4.27 -12.39
CA ARG A 81 5.18 3.64 -13.30
C ARG A 81 5.24 2.14 -13.02
N PRO A 82 4.89 1.34 -14.02
CA PRO A 82 4.83 -0.12 -13.88
C PRO A 82 6.05 -0.73 -13.20
N ARG A 83 7.26 -0.34 -13.61
CA ARG A 83 8.48 -0.83 -12.99
C ARG A 83 8.43 -0.62 -11.48
N ASP A 84 8.00 0.58 -11.08
CA ASP A 84 7.90 0.94 -9.67
C ASP A 84 6.86 0.17 -8.88
N LEU A 85 5.66 0.01 -9.43
CA LEU A 85 4.63 -0.75 -8.74
C LEU A 85 5.00 -2.23 -8.61
N ILE A 86 5.53 -2.80 -9.68
CA ILE A 86 5.90 -4.22 -9.66
C ILE A 86 7.05 -4.47 -8.67
N SER A 87 8.02 -3.55 -8.64
CA SER A 87 9.13 -3.64 -7.73
C SER A 87 8.62 -3.57 -6.27
N ASN A 88 7.63 -2.72 -6.03
CA ASN A 88 7.05 -2.63 -4.71
C ASN A 88 6.33 -3.92 -4.33
N ILE A 89 5.68 -4.57 -5.29
CA ILE A 89 5.02 -5.84 -4.99
C ILE A 89 6.04 -6.94 -4.63
N ASN A 90 7.14 -6.97 -5.36
CA ASN A 90 8.21 -7.94 -5.10
C ASN A 90 8.81 -7.70 -3.69
N VAL A 91 8.97 -6.44 -3.30
CA VAL A 91 9.51 -6.10 -1.98
C VAL A 91 8.59 -6.67 -0.89
N ILE A 92 7.28 -6.45 -1.05
CA ILE A 92 6.33 -7.00 -0.08
C ILE A 92 6.35 -8.53 -0.11
N VAL A 93 6.35 -9.11 -1.31
CA VAL A 93 6.38 -10.56 -1.45
C VAL A 93 7.58 -11.12 -0.66
N LEU A 94 8.76 -10.54 -0.87
CA LEU A 94 9.96 -10.97 -0.14
C LEU A 94 9.83 -10.80 1.37
N GLU A 95 9.25 -9.67 1.79
CA GLU A 95 9.09 -9.43 3.22
C GLU A 95 8.16 -10.45 3.87
N LEU A 96 7.11 -10.82 3.13
CA LEU A 96 6.14 -11.80 3.60
C LEU A 96 6.64 -13.23 3.67
N LYS A 97 7.28 -13.70 2.61
CA LYS A 97 7.69 -15.10 2.62
C LYS A 97 9.09 -15.35 3.16
N GLY A 98 9.93 -14.32 3.09
CA GLY A 98 11.31 -14.41 3.49
C GLY A 98 12.05 -15.06 2.34
N SER A 99 13.38 -15.01 2.39
CA SER A 99 14.20 -15.61 1.33
C SER A 99 14.77 -16.94 1.80
N GLU A 100 14.48 -17.31 3.03
CA GLU A 100 15.03 -18.55 3.58
C GLU A 100 14.25 -19.77 3.11
N THR A 101 12.95 -19.62 2.91
CA THR A 101 12.15 -20.76 2.47
C THR A 101 12.38 -21.07 1.00
N THR A 102 12.67 -22.33 0.71
CA THR A 102 12.83 -22.78 -0.66
C THR A 102 11.52 -23.43 -1.05
N PHE A 103 11.16 -23.28 -2.32
CA PHE A 103 9.93 -23.85 -2.81
C PHE A 103 9.91 -23.89 -4.32
N MET A 104 9.40 -24.98 -4.90
CA MET A 104 9.31 -25.11 -6.34
C MET A 104 7.85 -25.04 -6.76
N CYS A 105 7.54 -24.04 -7.56
CA CYS A 105 6.17 -23.81 -7.99
C CYS A 105 5.68 -24.83 -8.99
N GLU A 106 4.48 -25.35 -8.75
CA GLU A 106 3.84 -26.24 -9.72
C GLU A 106 2.66 -25.48 -10.31
N TYR A 107 2.67 -25.25 -11.61
CA TYR A 107 1.60 -24.50 -12.25
C TYR A 107 0.56 -25.44 -12.86
N ALA A 108 -0.68 -24.98 -12.92
CA ALA A 108 -1.73 -25.77 -13.54
C ALA A 108 -1.48 -25.75 -15.03
N ASP A 109 -2.14 -26.67 -15.75
CA ASP A 109 -1.97 -26.74 -17.18
C ASP A 109 -2.63 -25.55 -17.86
N GLU A 110 -3.83 -25.23 -17.40
CA GLU A 110 -4.59 -24.10 -17.94
C GLU A 110 -4.05 -22.76 -17.45
N THR A 111 -3.70 -21.90 -18.40
CA THR A 111 -3.27 -20.56 -18.05
C THR A 111 -4.51 -19.70 -17.89
N ALA A 112 -4.32 -18.46 -17.47
CA ALA A 112 -5.42 -17.56 -17.17
C ALA A 112 -5.19 -16.14 -17.66
N THR A 113 -6.27 -15.38 -17.80
CA THR A 113 -6.12 -13.97 -18.13
C THR A 113 -5.59 -13.18 -16.93
N ILE A 114 -5.26 -11.94 -17.19
CA ILE A 114 -4.78 -11.05 -16.13
C ILE A 114 -5.84 -10.84 -15.06
N VAL A 115 -7.10 -10.81 -15.46
CA VAL A 115 -8.20 -10.63 -14.51
C VAL A 115 -8.28 -11.81 -13.55
N GLU A 116 -8.20 -13.01 -14.12
CA GLU A 116 -8.23 -14.26 -13.32
C GLU A 116 -7.02 -14.43 -12.43
N PHE A 117 -5.87 -13.99 -12.95
CA PHE A 117 -4.61 -14.05 -12.21
C PHE A 117 -4.67 -13.15 -10.97
N LEU A 118 -5.13 -11.92 -11.18
CA LEU A 118 -5.25 -10.96 -10.08
C LEU A 118 -6.31 -11.41 -9.06
N ASN A 119 -7.47 -11.84 -9.55
CA ASN A 119 -8.53 -12.29 -8.64
C ASN A 119 -8.01 -13.41 -7.73
N ARG A 120 -7.24 -14.34 -8.28
CA ARG A 120 -6.71 -15.46 -7.52
C ARG A 120 -5.73 -15.01 -6.42
N TRP A 121 -4.81 -14.12 -6.77
CA TRP A 121 -3.88 -13.59 -5.78
C TRP A 121 -4.50 -12.66 -4.76
N ILE A 122 -5.57 -11.97 -5.13
CA ILE A 122 -6.33 -11.17 -4.19
C ILE A 122 -6.99 -12.13 -3.20
N THR A 123 -7.60 -13.19 -3.72
CA THR A 123 -8.22 -14.19 -2.86
C THR A 123 -7.20 -14.81 -1.88
N PHE A 124 -6.01 -15.08 -2.38
CA PHE A 124 -4.93 -15.59 -1.60
C PHE A 124 -4.60 -14.66 -0.43
N CYS A 125 -4.37 -13.39 -0.73
CA CYS A 125 -4.07 -12.42 0.33
C CYS A 125 -5.19 -12.43 1.38
N GLN A 126 -6.43 -12.30 0.91
CA GLN A 126 -7.57 -12.33 1.79
C GLN A 126 -7.56 -13.54 2.71
N SER A 127 -7.35 -14.72 2.12
CA SER A 127 -7.28 -15.99 2.81
C SER A 127 -6.24 -16.06 3.93
N ILE A 128 -5.03 -15.58 3.70
CA ILE A 128 -4.02 -15.59 4.77
C ILE A 128 -4.46 -14.63 5.86
N ILE A 129 -4.91 -13.45 5.46
CA ILE A 129 -5.38 -12.46 6.43
C ILE A 129 -6.39 -13.07 7.40
N SER A 130 -7.39 -13.71 6.84
CA SER A 130 -8.42 -14.40 7.60
C SER A 130 -7.90 -15.40 8.64
N THR A 131 -6.74 -16.03 8.40
CA THR A 131 -6.21 -16.99 9.37
C THR A 131 -5.46 -16.33 10.51
N LEU A 132 -5.30 -15.01 10.48
CA LEU A 132 -4.60 -14.32 11.54
C LEU A 132 -5.36 -13.07 12.00
N SER B 4 -18.20 5.04 -11.43
CA SER B 4 -18.04 4.31 -10.13
C SER B 4 -16.65 3.66 -10.09
N SER B 5 -16.04 3.52 -11.26
CA SER B 5 -14.69 2.99 -11.37
C SER B 5 -13.70 4.03 -10.83
N SER B 6 -14.14 5.28 -10.82
CA SER B 6 -13.36 6.42 -10.33
C SER B 6 -13.53 6.52 -8.83
N THR B 7 -14.75 6.27 -8.35
CA THR B 7 -15.01 6.27 -6.92
C THR B 7 -14.32 5.10 -6.24
N LYS B 8 -14.34 3.94 -6.89
CA LYS B 8 -13.68 2.76 -6.37
C LYS B 8 -12.19 3.05 -6.29
N LYS B 9 -11.69 3.81 -7.26
CA LYS B 9 -10.31 4.24 -7.28
C LYS B 9 -9.99 5.13 -6.07
N THR B 10 -10.91 6.02 -5.70
CA THR B 10 -10.72 6.89 -4.56
C THR B 10 -10.67 6.04 -3.30
N GLN B 11 -11.60 5.09 -3.19
CA GLN B 11 -11.65 4.19 -2.05
C GLN B 11 -10.35 3.43 -1.84
N LEU B 12 -9.82 2.87 -2.93
CA LEU B 12 -8.57 2.13 -2.86
C LEU B 12 -7.38 2.99 -2.42
N GLN B 13 -7.33 4.23 -2.94
CA GLN B 13 -6.31 5.20 -2.56
C GLN B 13 -6.38 5.51 -1.06
N LEU B 14 -7.58 5.80 -0.57
CA LEU B 14 -7.75 6.07 0.85
C LEU B 14 -7.33 4.89 1.69
N GLU B 15 -7.73 3.68 1.28
CA GLU B 15 -7.36 2.45 2.01
C GLU B 15 -5.85 2.24 1.96
N HIS B 16 -5.24 2.51 0.81
CA HIS B 16 -3.78 2.41 0.73
C HIS B 16 -3.09 3.49 1.56
N LEU B 17 -3.70 4.69 1.65
CA LEU B 17 -3.11 5.74 2.49
C LEU B 17 -3.15 5.31 3.95
N LEU B 18 -4.33 4.88 4.38
CA LEU B 18 -4.55 4.40 5.73
C LEU B 18 -3.52 3.33 6.10
N LEU B 19 -3.36 2.35 5.23
CA LEU B 19 -2.48 1.24 5.47
C LEU B 19 -1.02 1.65 5.62
N ASP B 20 -0.55 2.53 4.73
CA ASP B 20 0.81 3.02 4.81
C ASP B 20 1.03 3.71 6.15
N LEU B 21 0.02 4.45 6.62
CA LEU B 21 0.12 5.16 7.92
C LEU B 21 0.19 4.12 9.07
N GLN B 22 -0.65 3.11 8.98
CA GLN B 22 -0.63 2.02 9.97
C GLN B 22 0.68 1.29 9.94
N MET B 23 1.26 1.13 8.75
CA MET B 23 2.54 0.40 8.67
C MET B 23 3.63 1.18 9.40
N ILE B 24 3.59 2.50 9.31
CA ILE B 24 4.57 3.29 10.05
C ILE B 24 4.34 3.16 11.56
N LEU B 25 3.07 3.21 11.96
CA LEU B 25 2.70 3.09 13.37
C LEU B 25 3.18 1.77 13.97
N ASN B 26 2.95 0.69 13.24
CA ASN B 26 3.38 -0.65 13.63
C ASN B 26 4.90 -0.70 13.73
N GLY B 27 5.58 -0.03 12.82
CA GLY B 27 7.03 0.02 12.88
C GLY B 27 7.40 0.64 14.22
N ILE B 28 6.74 1.74 14.56
CA ILE B 28 7.05 2.40 15.82
C ILE B 28 6.75 1.46 17.00
N ASN B 29 5.66 0.70 16.92
CA ASN B 29 5.32 -0.29 17.92
C ASN B 29 6.43 -1.30 18.22
N ASN B 30 7.14 -1.76 17.19
CA ASN B 30 8.20 -2.75 17.42
C ASN B 30 9.60 -2.17 17.50
N TYR B 31 9.69 -0.85 17.60
CA TYR B 31 10.99 -0.19 17.73
C TYR B 31 11.23 -0.02 19.22
N LYS B 32 11.77 -1.07 19.85
CA LYS B 32 12.10 -1.06 21.26
C LYS B 32 13.55 -0.63 21.35
N ASN B 33 13.77 0.68 21.33
CA ASN B 33 15.11 1.26 21.26
C ASN B 33 15.09 2.59 22.00
N PRO B 34 16.15 2.90 22.75
CA PRO B 34 16.24 4.13 23.54
C PRO B 34 16.02 5.43 22.75
N LYS B 35 16.18 5.38 21.44
CA LYS B 35 15.95 6.56 20.60
C LYS B 35 14.46 6.90 20.41
N LEU B 36 13.59 5.95 20.73
CA LEU B 36 12.15 6.21 20.58
C LEU B 36 11.73 7.43 21.38
N THR B 37 12.20 7.58 22.63
CA THR B 37 11.81 8.78 23.37
C THR B 37 12.34 10.02 22.73
N ARG B 38 13.55 9.97 22.15
CA ARG B 38 14.03 11.14 21.41
C ARG B 38 13.14 11.41 20.19
N MET B 39 12.77 10.35 19.49
CA MET B 39 11.90 10.44 18.33
C MET B 39 10.58 11.12 18.70
N LEU B 40 10.10 10.84 19.91
CA LEU B 40 8.87 11.44 20.43
C LEU B 40 8.98 12.96 20.74
N THR B 41 10.16 13.54 20.64
CA THR B 41 10.31 14.99 20.85
C THR B 41 10.37 15.80 19.55
N PHE B 42 10.26 15.12 18.41
CA PHE B 42 10.27 15.78 17.10
C PHE B 42 8.80 16.02 16.82
N LYS B 43 8.41 17.29 16.75
CA LYS B 43 6.99 17.64 16.68
C LYS B 43 6.39 17.78 15.30
N PHE B 44 5.10 17.45 15.26
CA PHE B 44 4.28 17.53 14.08
C PHE B 44 3.11 18.51 14.25
N TYR B 45 2.68 19.13 13.14
CA TYR B 45 1.57 20.07 13.22
C TYR B 45 0.27 19.33 12.94
N MET B 46 -0.76 19.58 13.74
CA MET B 46 -2.04 18.91 13.63
C MET B 46 -3.11 19.83 13.10
N PRO B 47 -3.96 19.31 12.22
CA PRO B 47 -5.00 20.13 11.59
C PRO B 47 -6.14 20.51 12.54
N LYS B 48 -6.57 21.77 12.49
CA LYS B 48 -7.70 22.20 13.30
C LYS B 48 -8.92 21.42 12.85
N LYS B 49 -9.11 21.33 11.53
CA LYS B 49 -10.19 20.54 10.96
C LYS B 49 -9.70 19.68 9.80
N ALA B 50 -10.16 18.44 9.77
CA ALA B 50 -9.84 17.53 8.68
C ALA B 50 -11.02 16.56 8.51
N THR B 51 -11.94 16.89 7.60
CA THR B 51 -13.14 16.08 7.37
C THR B 51 -13.38 15.78 5.90
N GLU B 52 -12.69 16.50 5.01
CA GLU B 52 -12.86 16.32 3.57
C GLU B 52 -11.51 16.10 2.92
N LEU B 53 -11.54 15.62 1.69
CA LEU B 53 -10.32 15.34 0.94
C LEU B 53 -9.41 16.55 0.71
N LYS B 54 -9.99 17.75 0.63
CA LYS B 54 -9.15 18.95 0.44
C LYS B 54 -8.25 19.18 1.65
N HIS B 55 -8.71 18.75 2.82
CA HIS B 55 -7.94 18.87 4.04
C HIS B 55 -6.66 18.01 4.08
N LEU B 56 -6.47 17.14 3.08
CA LEU B 56 -5.26 16.32 2.98
C LEU B 56 -4.02 17.18 2.73
N GLN B 57 -4.26 18.43 2.35
CA GLN B 57 -3.21 19.43 2.19
C GLN B 57 -2.36 19.54 3.47
N CYS B 58 -3.04 19.44 4.61
CA CYS B 58 -2.43 19.54 5.92
C CYS B 58 -1.58 18.32 6.26
N LEU B 59 -1.83 17.19 5.60
CA LEU B 59 -0.97 16.03 5.75
C LEU B 59 0.23 16.17 4.82
N GLU B 60 -0.05 16.65 3.61
CA GLU B 60 0.95 16.84 2.58
C GLU B 60 2.10 17.72 3.06
N GLU B 61 1.75 18.84 3.69
CA GLU B 61 2.73 19.79 4.24
C GLU B 61 3.61 19.18 5.34
N GLU B 62 3.12 18.13 5.99
CA GLU B 62 3.87 17.46 7.06
C GLU B 62 4.65 16.22 6.64
N LEU B 63 4.65 15.90 5.34
CA LEU B 63 5.38 14.73 4.85
C LEU B 63 6.91 14.89 4.85
N LYS B 64 7.41 16.11 4.66
CA LYS B 64 8.86 16.31 4.71
C LYS B 64 9.39 15.95 6.10
N PRO B 65 8.82 16.53 7.17
CA PRO B 65 9.21 16.18 8.54
C PRO B 65 8.98 14.70 8.93
N LEU B 66 7.92 14.10 8.40
CA LEU B 66 7.63 12.71 8.65
C LEU B 66 8.77 11.87 8.09
N GLU B 67 9.11 12.08 6.83
CA GLU B 67 10.20 11.33 6.24
C GLU B 67 11.51 11.58 6.99
N GLU B 68 11.76 12.84 7.35
CA GLU B 68 12.99 13.19 8.09
C GLU B 68 13.17 12.42 9.42
N VAL B 69 12.16 12.41 10.27
CA VAL B 69 12.25 11.68 11.54
C VAL B 69 12.33 10.16 11.36
N LEU B 70 11.73 9.63 10.29
CA LEU B 70 11.87 8.20 10.00
C LEU B 70 13.33 7.96 9.57
N ASN B 71 13.89 8.89 8.79
CA ASN B 71 15.30 8.84 8.39
C ASN B 71 16.18 8.77 9.64
N LEU B 72 15.98 9.74 10.53
CA LEU B 72 16.70 9.76 11.80
C LEU B 72 16.62 8.39 12.46
N ALA B 73 15.41 7.83 12.56
CA ALA B 73 15.19 6.53 13.17
C ALA B 73 15.86 5.43 12.40
N GLN B 74 15.84 5.52 11.07
CA GLN B 74 16.44 4.49 10.23
C GLN B 74 17.94 4.42 10.52
N SER B 75 18.53 5.57 10.81
CA SER B 75 19.93 5.66 11.21
C SER B 75 20.19 4.95 12.53
N LYS B 76 19.13 4.73 13.31
CA LYS B 76 19.26 4.04 14.61
C LYS B 76 18.51 2.72 14.67
N ASN B 77 18.69 1.91 13.64
CA ASN B 77 18.11 0.56 13.58
C ASN B 77 16.58 0.44 13.52
N PHE B 78 15.90 1.38 12.87
CA PHE B 78 14.44 1.28 12.71
C PHE B 78 14.14 0.68 11.35
N ARG B 83 11.29 1.05 2.14
CA ARG B 83 12.35 2.04 2.02
C ARG B 83 11.72 3.41 1.79
N ASP B 84 11.00 3.54 0.67
CA ASP B 84 10.36 4.80 0.31
C ASP B 84 8.82 4.76 0.46
N LEU B 85 8.37 4.55 1.70
CA LEU B 85 6.95 4.50 2.01
C LEU B 85 6.37 5.92 1.92
N ILE B 86 7.16 6.89 2.35
CA ILE B 86 6.71 8.28 2.33
C ILE B 86 6.46 8.78 0.91
N SER B 87 7.35 8.38 0.01
CA SER B 87 7.22 8.72 -1.40
C SER B 87 5.89 8.20 -1.96
N ASN B 88 5.53 6.99 -1.55
CA ASN B 88 4.27 6.38 -1.94
C ASN B 88 3.08 7.13 -1.33
N ILE B 89 3.24 7.60 -0.09
CA ILE B 89 2.19 8.36 0.57
C ILE B 89 1.96 9.70 -0.09
N ASN B 90 3.05 10.35 -0.51
CA ASN B 90 2.93 11.63 -1.20
C ASN B 90 2.18 11.45 -2.51
N VAL B 91 2.63 10.48 -3.32
CA VAL B 91 1.99 10.16 -4.59
C VAL B 91 0.48 9.99 -4.44
N ILE B 92 0.09 9.15 -3.49
CA ILE B 92 -1.31 8.92 -3.20
C ILE B 92 -2.02 10.19 -2.78
N VAL B 93 -1.36 11.00 -1.93
CA VAL B 93 -1.97 12.23 -1.43
C VAL B 93 -2.27 13.22 -2.56
N LEU B 94 -1.36 13.29 -3.52
CA LEU B 94 -1.55 14.20 -4.65
C LEU B 94 -2.69 13.68 -5.53
N GLU B 95 -2.85 12.36 -5.61
CA GLU B 95 -3.96 11.80 -6.37
C GLU B 95 -5.30 12.14 -5.73
N LEU B 96 -5.37 11.97 -4.41
CA LEU B 96 -6.60 12.21 -3.67
C LEU B 96 -7.06 13.67 -3.50
N LYS B 97 -6.14 14.58 -3.23
CA LYS B 97 -6.53 15.97 -2.94
C LYS B 97 -6.33 16.95 -4.09
N GLY B 98 -5.64 16.52 -5.14
CA GLY B 98 -5.33 17.39 -6.25
C GLY B 98 -3.82 17.56 -6.26
N SER B 99 -3.26 18.16 -7.30
CA SER B 99 -1.81 18.31 -7.37
C SER B 99 -1.31 19.69 -7.00
N GLU B 100 -2.20 20.52 -6.46
CA GLU B 100 -1.86 21.88 -6.06
C GLU B 100 -2.60 22.30 -4.80
N THR B 101 -2.23 23.45 -4.22
CA THR B 101 -2.86 23.93 -2.99
C THR B 101 -4.38 23.88 -3.08
N THR B 102 -4.99 23.16 -2.15
CA THR B 102 -6.44 23.00 -2.17
C THR B 102 -7.08 23.41 -0.84
N PHE B 103 -6.25 23.89 0.08
CA PHE B 103 -6.74 24.32 1.39
C PHE B 103 -5.68 25.12 2.11
N MET B 104 -6.11 26.07 2.93
CA MET B 104 -5.18 26.84 3.75
C MET B 104 -5.28 26.31 5.17
N CYS B 105 -4.36 25.40 5.49
CA CYS B 105 -4.33 24.72 6.76
C CYS B 105 -4.20 25.61 7.97
N GLU B 106 -5.13 25.41 8.91
CA GLU B 106 -5.11 26.08 10.19
C GLU B 106 -4.67 24.97 11.15
N TYR B 107 -3.50 25.14 11.73
CA TYR B 107 -2.96 24.12 12.63
C TYR B 107 -3.23 24.44 14.07
N ALA B 108 -3.60 23.43 14.84
CA ALA B 108 -3.81 23.62 16.26
C ALA B 108 -2.55 24.21 16.87
N ASP B 109 -2.70 24.93 17.97
CA ASP B 109 -1.57 25.55 18.61
C ASP B 109 -0.66 24.53 19.28
N GLU B 110 -1.25 23.43 19.74
CA GLU B 110 -0.46 22.38 20.35
C GLU B 110 0.06 21.41 19.28
N THR B 111 1.37 21.30 19.15
CA THR B 111 1.95 20.32 18.23
C THR B 111 1.74 18.93 18.84
N ALA B 112 2.17 17.89 18.14
CA ALA B 112 1.96 16.53 18.62
C ALA B 112 3.11 15.59 18.30
N THR B 113 3.14 14.43 18.95
CA THR B 113 4.17 13.45 18.64
C THR B 113 3.80 12.72 17.37
N ILE B 114 4.76 11.95 16.87
CA ILE B 114 4.54 11.19 15.63
C ILE B 114 3.39 10.19 15.78
N VAL B 115 3.25 9.58 16.95
CA VAL B 115 2.18 8.60 17.12
C VAL B 115 0.79 9.26 17.12
N GLU B 116 0.65 10.38 17.82
CA GLU B 116 -0.61 11.14 17.78
C GLU B 116 -0.99 11.57 16.34
N PHE B 117 0.00 12.08 15.61
CA PHE B 117 -0.15 12.55 14.24
C PHE B 117 -0.61 11.46 13.26
N LEU B 118 0.09 10.34 13.25
CA LEU B 118 -0.30 9.22 12.42
C LEU B 118 -1.71 8.75 12.80
N ASN B 119 -2.00 8.68 14.09
CA ASN B 119 -3.32 8.20 14.52
C ASN B 119 -4.47 9.11 14.07
N ARG B 120 -4.25 10.41 14.11
CA ARG B 120 -5.20 11.40 13.65
C ARG B 120 -5.52 11.22 12.17
N TRP B 121 -4.47 11.04 11.38
CA TRP B 121 -4.65 10.83 9.94
C TRP B 121 -5.25 9.47 9.61
N ILE B 122 -5.04 8.47 10.46
CA ILE B 122 -5.64 7.16 10.26
C ILE B 122 -7.13 7.29 10.49
N THR B 123 -7.49 7.97 11.57
CA THR B 123 -8.89 8.26 11.87
C THR B 123 -9.54 9.03 10.71
N PHE B 124 -8.80 9.97 10.14
CA PHE B 124 -9.28 10.76 9.02
C PHE B 124 -9.60 9.90 7.80
N CYS B 125 -8.68 9.00 7.48
CA CYS B 125 -8.87 8.09 6.36
C CYS B 125 -10.06 7.16 6.59
N GLN B 126 -10.18 6.65 7.81
CA GLN B 126 -11.26 5.73 8.17
C GLN B 126 -12.60 6.43 8.06
N SER B 127 -12.66 7.68 8.53
CA SER B 127 -13.88 8.46 8.44
C SER B 127 -14.31 8.66 6.99
N ILE B 128 -13.40 9.09 6.12
CA ILE B 128 -13.76 9.27 4.71
C ILE B 128 -14.21 7.95 4.11
N ILE B 129 -13.44 6.89 4.34
CA ILE B 129 -13.79 5.58 3.80
C ILE B 129 -15.23 5.18 4.15
N SER B 130 -15.66 5.47 5.37
CA SER B 130 -17.02 5.16 5.81
C SER B 130 -18.08 5.98 5.07
N THR B 131 -17.73 7.18 4.65
CA THR B 131 -18.66 8.05 3.93
C THR B 131 -18.89 7.55 2.51
N LEU B 132 -17.88 6.88 1.94
CA LEU B 132 -18.02 6.31 0.60
C LEU B 132 -18.12 4.79 0.66
N THR B 133 -19.17 4.31 1.32
CA THR B 133 -19.44 2.88 1.44
C THR B 133 -20.92 2.62 1.20
N33 FRG C . 4.87 -16.79 -17.73
C31 FRG C . 4.06 -16.07 -18.49
N32 FRG C . 2.91 -15.66 -17.93
N29 FRG C . 4.48 -15.66 -19.82
C30 FRG C . 3.57 -14.68 -20.48
C28 FRG C . 5.18 -16.64 -20.68
C27 FRG C . 4.49 -17.01 -22.01
C26 FRG C . 3.66 -15.91 -22.65
C24 FRG C . 2.74 -15.22 -21.66
C23 FRG C . 1.96 -14.07 -22.33
C22 FRG C . 1.20 -14.57 -23.55
O25 FRG C . 0.29 -15.38 -23.39
N21 FRG C . 1.56 -14.12 -24.77
C16 FRG C . 0.80 -14.44 -25.97
C17 FRG C . 1.12 -15.80 -26.57
O19 FRG C . 0.27 -16.51 -27.06
O18 FRG C . 2.49 -16.30 -26.52
C20 FRG C . 2.88 -17.45 -27.29
C15 FRG C . 0.91 -13.33 -26.98
C12 FRG C . 0.58 -11.93 -26.62
C13 FRG C . 1.57 -10.97 -26.41
C14 FRG C . 1.23 -9.66 -26.11
C11 FRG C . -0.76 -11.58 -26.51
C10 FRG C . -1.11 -10.28 -26.19
C9 FRG C . -0.10 -9.35 -25.98
C8 FRG C . -0.52 -7.99 -25.67
C7 FRG C . -0.93 -6.79 -25.42
C4 FRG C . -1.39 -5.45 -25.19
C5 FRG C . -1.35 -4.57 -26.27
C6 FRG C . -1.78 -3.27 -26.09
C3 FRG C . -1.83 -5.08 -23.95
C2 FRG C . -2.25 -3.78 -23.78
C1 FRG C . -2.22 -2.88 -24.83
N33 FRG D . 6.60 20.95 10.32
C31 FRG D . 7.20 20.25 11.28
N32 FRG D . 6.55 19.21 11.84
N29 FRG D . 8.54 20.55 11.65
C30 FRG D . 9.12 19.56 12.57
C28 FRG D . 9.02 21.97 11.73
C27 FRG D . 9.40 22.44 13.14
C26 FRG D . 10.32 21.44 13.84
C24 FRG D . 9.65 20.05 13.92
C23 FRG D . 10.61 18.99 14.50
C22 FRG D . 10.98 19.29 15.94
O25 FRG D . 10.10 19.31 16.79
N21 FRG D . 12.29 19.54 16.15
C16 FRG D . 12.83 19.84 17.47
C17 FRG D . 12.57 21.26 17.86
O19 FRG D . 12.40 22.17 17.05
O18 FRG D . 12.44 21.54 19.27
C20 FRG D . 12.21 22.85 19.78
C15 FRG D . 14.27 19.37 17.64
C12 FRG D . 14.56 17.94 17.45
C13 FRG D . 15.44 17.52 16.46
C14 FRG D . 15.72 16.18 16.29
C11 FRG D . 13.91 17.00 18.25
C10 FRG D . 14.16 15.64 18.10
C9 FRG D . 15.07 15.27 17.11
C8 FRG D . 15.36 13.87 16.93
C7 FRG D . 15.67 12.63 16.75
C4 FRG D . 16.05 11.24 16.56
C5 FRG D . 17.40 10.94 16.61
C6 FRG D . 17.78 9.63 16.43
C3 FRG D . 15.07 10.31 16.31
C2 FRG D . 15.45 8.99 16.14
C1 FRG D . 16.81 8.66 16.19
#